data_2PDL
#
_entry.id   2PDL
#
_cell.length_a   49.424
_cell.length_b   66.976
_cell.length_c   46.967
_cell.angle_alpha   90.00
_cell.angle_beta   92.43
_cell.angle_gamma   90.00
#
_symmetry.space_group_name_H-M   'P 1 21 1'
#
loop_
_entity.id
_entity.type
_entity.pdbx_description
1 polymer 'Aldose reductase'
2 non-polymer 'NADP NICOTINAMIDE-ADENINE-DINUCLEOTIDE PHOSPHATE'
3 non-polymer TOLRESTAT
4 water water
#
_entity_poly.entity_id   1
_entity_poly.type   'polypeptide(L)'
_entity_poly.pdbx_seq_one_letter_code
;MASRILLNNGAKMPILGLGTWKSPPGQVTEAVKVAIDVGYRHIDCAHVYQNENEVGVAIQEKLREQVVKREELFIVSKLW
CTYHEKGLVKGACQKTLSDLKLDYLDLYLIHWPTGFKPGKEFFPLDESGNVVPSDTNILDTWAAMEELVDEGLVKAIGIS
NFNHLQVEMILNKPGLKYKPAVNQIECHPYLTQEKLIQYCQSKGIVVTAYSPLGSPDRPWAKPEDPSLLEDPRIKAIAAK
HNKTTAQVLIRFPMQRNLVVIPKSVTPERIAENFKVFDFELSSQDMTTLLSYNRNWRVCALMSCTSHKDYPFHEEF
;
_entity_poly.pdbx_strand_id   A
#
loop_
_chem_comp.id
_chem_comp.type
_chem_comp.name
_chem_comp.formula
NAP non-polymer 'NADP NICOTINAMIDE-ADENINE-DINUCLEOTIDE PHOSPHATE' 'C21 H28 N7 O17 P3'
TOL non-polymer TOLRESTAT 'C16 H14 F3 N O3 S'
#
# COMPACT_ATOMS: atom_id res chain seq x y z
N ALA A 2 -16.50 -5.87 -10.65
CA ALA A 2 -15.80 -6.97 -9.95
C ALA A 2 -15.01 -6.42 -8.77
N SER A 3 -15.44 -6.63 -7.52
CA SER A 3 -14.92 -5.80 -6.46
C SER A 3 -13.75 -6.38 -5.66
N ARG A 4 -13.52 -7.67 -5.75
CA ARG A 4 -12.46 -8.36 -5.03
C ARG A 4 -11.64 -9.28 -5.92
N ILE A 5 -10.37 -9.45 -5.58
CA ILE A 5 -9.40 -10.29 -6.31
C ILE A 5 -8.94 -11.40 -5.37
N LEU A 6 -8.79 -12.62 -5.87
CA LEU A 6 -8.39 -13.82 -5.18
C LEU A 6 -6.88 -13.78 -4.96
N LEU A 7 -6.51 -13.85 -3.69
CA LEU A 7 -5.12 -13.98 -3.32
C LEU A 7 -4.69 -15.45 -3.29
N ASN A 8 -3.39 -15.66 -3.33
CA ASN A 8 -2.80 -17.01 -3.32
C ASN A 8 -2.94 -17.66 -1.96
N ASN A 9 -3.50 -17.02 -0.93
CA ASN A 9 -3.80 -17.70 0.32
C ASN A 9 -5.26 -18.17 0.34
N GLY A 10 -5.95 -18.02 -0.79
CA GLY A 10 -7.36 -18.41 -0.85
C GLY A 10 -8.32 -17.33 -0.46
N ALA A 11 -7.90 -16.18 0.08
CA ALA A 11 -8.82 -15.10 0.46
C ALA A 11 -9.06 -14.11 -0.67
N LYS A 12 -10.17 -13.35 -0.58
CA LYS A 12 -10.48 -12.29 -1.54
C LYS A 12 -10.24 -10.89 -0.99
N MET A 13 -9.60 -10.04 -1.79
CA MET A 13 -9.18 -8.68 -1.36
C MET A 13 -9.93 -7.62 -2.14
N PRO A 14 -10.62 -6.69 -1.53
CA PRO A 14 -11.26 -5.61 -2.30
C PRO A 14 -10.25 -4.80 -3.10
N ILE A 15 -10.62 -4.52 -4.35
CA ILE A 15 -9.63 -3.87 -5.23
C ILE A 15 -9.50 -2.36 -4.99
N LEU A 16 -10.43 -1.74 -4.28
CA LEU A 16 -10.41 -0.38 -3.82
C LEU A 16 -10.29 -0.36 -2.29
N GLY A 17 -9.28 0.30 -1.77
CA GLY A 17 -9.13 0.52 -0.33
C GLY A 17 -8.89 2.01 -0.04
N LEU A 18 -9.01 2.45 1.19
CA LEU A 18 -8.70 3.82 1.65
C LEU A 18 -7.26 3.91 2.15
N GLY A 19 -6.40 4.77 1.61
CA GLY A 19 -5.10 4.98 2.22
C GLY A 19 -5.22 5.91 3.43
N THR A 20 -4.21 5.87 4.30
CA THR A 20 -4.21 6.60 5.58
C THR A 20 -2.87 7.27 5.86
N TRP A 21 -1.93 7.28 4.92
CA TRP A 21 -0.67 8.02 5.15
C TRP A 21 -0.93 9.51 5.09
N LYS A 22 -0.51 10.23 6.11
CA LYS A 22 -0.66 11.65 6.29
C LYS A 22 -2.10 12.00 6.67
N SER A 23 -2.96 11.00 6.90
CA SER A 23 -4.28 11.29 7.44
C SER A 23 -4.16 11.72 8.91
N PRO A 24 -4.52 12.98 9.20
CA PRO A 24 -4.23 13.47 10.55
C PRO A 24 -5.01 12.69 11.60
N PRO A 25 -4.42 12.46 12.77
CA PRO A 25 -5.12 11.69 13.79
C PRO A 25 -6.48 12.30 14.15
N GLY A 26 -6.63 13.61 14.11
CA GLY A 26 -7.91 14.24 14.42
C GLY A 26 -8.98 14.11 13.36
N GLN A 27 -8.65 13.64 12.15
CA GLN A 27 -9.60 13.54 11.08
C GLN A 27 -9.79 12.11 10.56
N VAL A 28 -8.93 11.20 10.95
CA VAL A 28 -8.95 9.94 10.18
C VAL A 28 -10.01 9.01 10.74
N THR A 29 -10.45 9.24 11.97
CA THR A 29 -11.54 8.42 12.50
C THR A 29 -12.81 8.67 11.69
N GLU A 30 -13.11 9.95 11.47
CA GLU A 30 -14.27 10.27 10.64
C GLU A 30 -14.07 9.75 9.23
N ALA A 31 -12.86 9.92 8.68
CA ALA A 31 -12.65 9.53 7.27
C ALA A 31 -12.92 8.06 7.09
N VAL A 32 -12.45 7.23 8.03
CA VAL A 32 -12.69 5.79 7.92
C VAL A 32 -14.15 5.45 8.17
N LYS A 33 -14.85 6.14 9.06
CA LYS A 33 -16.27 5.90 9.24
C LYS A 33 -17.06 6.20 7.97
N VAL A 34 -16.75 7.33 7.33
CA VAL A 34 -17.43 7.71 6.09
C VAL A 34 -17.15 6.72 4.99
N ALA A 35 -15.88 6.30 4.95
CA ALA A 35 -15.48 5.34 3.93
C ALA A 35 -16.29 4.05 4.13
N ILE A 36 -16.39 3.52 5.32
CA ILE A 36 -17.17 2.29 5.55
C ILE A 36 -18.61 2.56 5.13
N ASP A 37 -19.13 3.72 5.53
CA ASP A 37 -20.54 4.01 5.27
C ASP A 37 -20.83 4.02 3.77
N VAL A 38 -19.86 4.44 2.96
CA VAL A 38 -20.16 4.52 1.54
C VAL A 38 -19.64 3.34 0.74
N GLY A 39 -19.11 2.30 1.36
CA GLY A 39 -18.81 1.12 0.56
C GLY A 39 -17.43 0.53 0.80
N TYR A 40 -16.46 1.30 1.31
CA TYR A 40 -15.11 0.73 1.35
C TYR A 40 -15.07 -0.40 2.37
N ARG A 41 -14.30 -1.40 2.03
CA ARG A 41 -14.13 -2.56 2.91
C ARG A 41 -12.67 -2.91 3.17
N HIS A 42 -11.76 -2.10 2.66
CA HIS A 42 -10.33 -2.29 2.71
C HIS A 42 -9.74 -0.94 3.16
N ILE A 43 -8.98 -1.05 4.27
CA ILE A 43 -8.26 0.12 4.77
C ILE A 43 -6.76 -0.15 4.79
N ASP A 44 -5.93 0.72 4.22
CA ASP A 44 -4.49 0.50 4.21
C ASP A 44 -3.83 1.31 5.32
N CYS A 45 -3.18 0.65 6.24
CA CYS A 45 -2.64 1.22 7.46
C CYS A 45 -1.16 1.01 7.65
N ALA A 46 -0.53 1.71 8.61
CA ALA A 46 0.83 1.37 9.00
C ALA A 46 1.18 2.00 10.35
N HIS A 47 1.96 1.25 11.12
CA HIS A 47 2.41 1.70 12.43
C HIS A 47 3.12 3.05 12.25
N VAL A 48 3.93 3.19 11.19
CA VAL A 48 4.73 4.41 11.04
C VAL A 48 3.88 5.64 10.75
N TYR A 49 2.62 5.50 10.36
CA TYR A 49 1.73 6.64 10.09
C TYR A 49 1.23 7.31 11.37
N GLN A 50 1.38 6.61 12.49
CA GLN A 50 1.11 7.17 13.80
C GLN A 50 -0.36 7.49 14.03
N ASN A 51 -1.23 6.78 13.31
CA ASN A 51 -2.67 7.03 13.37
C ASN A 51 -3.52 5.76 13.44
N GLU A 52 -2.84 4.64 13.76
CA GLU A 52 -3.60 3.40 13.78
C GLU A 52 -4.60 3.35 14.92
N ASN A 53 -4.33 4.04 16.03
CA ASN A 53 -5.32 3.93 17.11
C ASN A 53 -6.66 4.52 16.71
N GLU A 54 -6.60 5.67 16.04
CA GLU A 54 -7.73 6.44 15.56
C GLU A 54 -8.40 5.68 14.41
N VAL A 55 -7.62 4.99 13.57
CA VAL A 55 -8.27 4.18 12.53
C VAL A 55 -9.08 3.10 13.22
N GLY A 56 -8.43 2.50 14.22
CA GLY A 56 -9.10 1.41 14.93
C GLY A 56 -10.38 1.91 15.60
N VAL A 57 -10.41 3.14 16.14
CA VAL A 57 -11.66 3.58 16.76
C VAL A 57 -12.83 3.57 15.79
N ALA A 58 -12.56 4.00 14.55
CA ALA A 58 -13.59 3.98 13.50
C ALA A 58 -14.04 2.58 13.16
N ILE A 59 -13.08 1.67 12.97
CA ILE A 59 -13.45 0.30 12.67
C ILE A 59 -14.32 -0.28 13.76
N GLN A 60 -13.93 -0.07 15.01
CA GLN A 60 -14.68 -0.67 16.10
C GLN A 60 -16.06 -0.08 16.22
N GLU A 61 -16.17 1.25 16.04
CA GLU A 61 -17.51 1.83 16.09
C GLU A 61 -18.41 1.24 15.01
N LYS A 62 -17.89 1.05 13.80
CA LYS A 62 -18.78 0.53 12.76
C LYS A 62 -19.10 -0.95 13.02
N LEU A 63 -18.18 -1.72 13.58
CA LEU A 63 -18.51 -3.08 14.01
C LEU A 63 -19.61 -3.04 15.07
N ARG A 64 -19.44 -2.14 16.04
CA ARG A 64 -20.40 -2.09 17.16
C ARG A 64 -21.77 -1.67 16.67
N GLU A 65 -21.84 -0.72 15.73
CA GLU A 65 -23.07 -0.18 15.19
C GLU A 65 -23.79 -1.14 14.23
N GLN A 66 -23.18 -2.26 13.89
CA GLN A 66 -23.72 -3.25 12.98
C GLN A 66 -23.79 -2.71 11.55
N VAL A 67 -22.84 -1.85 11.23
CA VAL A 67 -22.72 -1.35 9.88
C VAL A 67 -22.05 -2.36 8.97
N VAL A 68 -21.04 -3.02 9.52
CA VAL A 68 -20.25 -4.02 8.81
C VAL A 68 -19.85 -5.12 9.79
N LYS A 69 -19.53 -6.28 9.24
CA LYS A 69 -19.09 -7.46 9.95
C LYS A 69 -17.58 -7.58 9.75
N ARG A 70 -16.85 -8.06 10.75
CA ARG A 70 -15.42 -8.17 10.65
C ARG A 70 -15.00 -8.98 9.44
N GLU A 71 -15.72 -10.05 9.09
CA GLU A 71 -15.34 -10.86 7.96
C GLU A 71 -15.41 -10.11 6.62
N GLU A 72 -16.22 -9.08 6.58
CA GLU A 72 -16.37 -8.31 5.35
C GLU A 72 -15.29 -7.26 5.27
N LEU A 73 -14.54 -6.97 6.33
CA LEU A 73 -13.48 -5.99 6.21
C LEU A 73 -12.18 -6.66 5.82
N PHE A 74 -11.30 -5.87 5.21
CA PHE A 74 -9.96 -6.28 4.82
C PHE A 74 -8.99 -5.17 5.24
N ILE A 75 -8.35 -5.47 6.39
CA ILE A 75 -7.53 -4.49 7.05
C ILE A 75 -6.06 -4.88 6.88
N VAL A 76 -5.28 -3.91 6.36
CA VAL A 76 -3.88 -4.10 5.98
C VAL A 76 -3.02 -3.18 6.87
N SER A 77 -1.94 -3.74 7.35
CA SER A 77 -0.92 -2.90 7.99
C SER A 77 0.44 -3.41 7.59
N LYS A 78 1.51 -2.77 8.09
CA LYS A 78 2.86 -2.94 7.60
C LYS A 78 3.86 -2.87 8.78
N LEU A 79 4.82 -3.77 8.71
CA LEU A 79 5.95 -3.89 9.62
C LEU A 79 6.97 -2.79 9.32
N TRP A 80 7.15 -1.84 10.22
CA TRP A 80 8.12 -0.77 9.96
C TRP A 80 9.56 -1.31 9.97
N CYS A 81 10.46 -0.58 9.29
CA CYS A 81 11.84 -0.85 9.08
C CYS A 81 12.67 -1.12 10.34
N THR A 82 12.31 -0.54 11.47
CA THR A 82 13.15 -0.72 12.67
C THR A 82 12.80 -2.00 13.41
N TYR A 83 11.90 -2.79 12.82
CA TYR A 83 11.44 -4.01 13.47
C TYR A 83 11.69 -5.25 12.61
N HIS A 84 12.66 -5.20 11.68
CA HIS A 84 12.99 -6.37 10.85
C HIS A 84 13.62 -7.53 11.62
N GLU A 85 14.24 -7.31 12.76
CA GLU A 85 14.83 -8.44 13.50
C GLU A 85 13.73 -9.42 13.87
N LYS A 86 13.99 -10.71 13.69
CA LYS A 86 12.98 -11.73 13.97
C LYS A 86 12.34 -11.62 15.35
N GLY A 87 13.11 -11.29 16.37
CA GLY A 87 12.65 -11.06 17.72
C GLY A 87 11.72 -9.89 17.92
N LEU A 88 11.65 -8.99 16.93
CA LEU A 88 10.79 -7.82 17.14
C LEU A 88 9.47 -7.92 16.38
N VAL A 89 9.38 -8.85 15.47
CA VAL A 89 8.22 -8.88 14.54
C VAL A 89 6.91 -9.13 15.23
N LYS A 90 6.83 -10.06 16.15
CA LYS A 90 5.52 -10.37 16.72
C LYS A 90 4.99 -9.16 17.48
N GLY A 91 5.89 -8.58 18.27
CA GLY A 91 5.52 -7.48 19.12
C GLY A 91 5.03 -6.29 18.29
N ALA A 92 5.73 -6.04 17.18
CA ALA A 92 5.33 -4.99 16.25
C ALA A 92 3.91 -5.27 15.74
N CYS A 93 3.69 -6.54 15.40
CA CYS A 93 2.36 -6.89 14.90
C CYS A 93 1.27 -6.68 15.96
N GLN A 94 1.64 -7.08 17.18
CA GLN A 94 0.75 -7.12 18.34
C GLN A 94 0.37 -5.69 18.70
N LYS A 95 1.28 -4.73 18.57
CA LYS A 95 0.96 -3.31 18.78
C LYS A 95 -0.07 -2.76 17.82
N THR A 96 0.21 -3.12 16.55
CA THR A 96 -0.70 -2.74 15.48
C THR A 96 -2.07 -3.34 15.68
N LEU A 97 -2.18 -4.62 16.02
CA LEU A 97 -3.48 -5.23 16.33
C LEU A 97 -4.17 -4.50 17.48
N SER A 98 -3.42 -4.21 18.56
CA SER A 98 -4.07 -3.59 19.73
C SER A 98 -4.56 -2.22 19.36
N ASP A 99 -3.70 -1.47 18.63
CA ASP A 99 -4.18 -0.16 18.18
C ASP A 99 -5.37 -0.24 17.24
N LEU A 100 -5.43 -1.12 16.27
CA LEU A 100 -6.56 -1.15 15.36
C LEU A 100 -7.80 -1.81 15.93
N LYS A 101 -7.59 -2.34 17.12
CA LYS A 101 -8.58 -3.09 17.94
C LYS A 101 -9.16 -4.28 17.21
N LEU A 102 -8.24 -5.06 16.64
CA LEU A 102 -8.45 -6.26 15.86
C LEU A 102 -7.80 -7.47 16.52
N ASP A 103 -8.30 -8.66 16.20
CA ASP A 103 -7.52 -9.81 16.70
C ASP A 103 -6.80 -10.56 15.58
N TYR A 104 -7.03 -10.16 14.35
CA TYR A 104 -6.18 -10.49 13.23
C TYR A 104 -6.14 -9.37 12.19
N LEU A 105 -5.09 -9.36 11.39
CA LEU A 105 -5.01 -8.58 10.17
C LEU A 105 -5.34 -9.43 8.96
N ASP A 106 -6.03 -8.83 7.98
CA ASP A 106 -6.16 -9.64 6.74
C ASP A 106 -4.87 -9.77 5.96
N LEU A 107 -4.01 -8.77 6.08
CA LEU A 107 -2.75 -8.71 5.32
C LEU A 107 -1.72 -7.87 6.08
N TYR A 108 -0.53 -8.45 6.18
CA TYR A 108 0.56 -7.77 6.89
C TYR A 108 1.77 -7.80 5.96
N LEU A 109 2.22 -6.58 5.65
CA LEU A 109 3.32 -6.40 4.73
C LEU A 109 4.66 -6.04 5.37
N ILE A 110 5.76 -6.53 4.83
CA ILE A 110 7.06 -5.90 5.12
C ILE A 110 7.05 -4.55 4.39
N HIS A 111 7.07 -3.45 5.11
CA HIS A 111 6.77 -2.14 4.51
C HIS A 111 7.80 -1.70 3.49
N TRP A 112 9.07 -1.97 3.82
CA TRP A 112 10.22 -1.66 2.98
C TRP A 112 11.25 -2.76 3.10
N PRO A 113 11.97 -3.08 2.02
CA PRO A 113 13.00 -4.12 2.06
C PRO A 113 14.16 -3.74 2.99
N THR A 114 14.30 -2.47 3.32
CA THR A 114 15.40 -1.98 4.11
C THR A 114 15.20 -2.04 5.60
N GLY A 115 15.96 -2.85 6.33
CA GLY A 115 15.91 -2.84 7.78
C GLY A 115 16.69 -1.65 8.32
N PHE A 116 16.16 -0.97 9.32
CA PHE A 116 16.81 0.14 10.00
C PHE A 116 17.20 -0.30 11.40
N LYS A 117 18.23 0.32 11.95
CA LYS A 117 18.64 0.06 13.32
C LYS A 117 17.47 0.16 14.29
N PRO A 118 17.34 -0.88 15.11
CA PRO A 118 16.22 -0.88 16.05
C PRO A 118 16.42 0.19 17.12
N GLY A 119 15.35 0.75 17.61
CA GLY A 119 15.28 1.62 18.75
C GLY A 119 14.00 2.43 18.72
N LYS A 120 13.92 3.49 19.54
CA LYS A 120 12.63 4.24 19.54
C LYS A 120 12.50 5.11 18.30
N GLU A 121 13.56 5.48 17.63
CA GLU A 121 13.54 6.29 16.42
C GLU A 121 13.08 5.51 15.18
N PHE A 122 12.10 5.86 14.37
CA PHE A 122 11.63 5.29 13.16
C PHE A 122 12.61 5.55 12.00
N PHE A 123 13.35 6.65 12.05
CA PHE A 123 14.23 7.06 10.95
C PHE A 123 15.62 7.38 11.47
N PRO A 124 16.33 6.40 11.97
CA PRO A 124 17.62 6.65 12.64
C PRO A 124 18.62 7.08 11.59
N LEU A 125 19.30 8.20 11.87
CA LEU A 125 20.31 8.72 10.97
C LEU A 125 21.62 8.94 11.73
N ASP A 126 22.70 8.86 10.96
CA ASP A 126 23.99 9.10 11.59
C ASP A 126 24.30 10.60 11.56
N GLU A 127 25.45 10.93 12.08
CA GLU A 127 26.04 12.27 12.17
C GLU A 127 26.69 12.62 10.82
N SER A 128 25.79 12.78 9.88
CA SER A 128 25.79 13.04 8.47
C SER A 128 24.44 12.71 7.82
N GLY A 129 23.54 11.93 8.42
CA GLY A 129 22.19 11.89 7.88
C GLY A 129 21.84 10.70 7.03
N ASN A 130 22.81 9.82 6.81
CA ASN A 130 22.48 8.58 6.09
C ASN A 130 21.59 7.72 7.00
N VAL A 131 20.64 6.98 6.43
CA VAL A 131 19.85 6.14 7.33
C VAL A 131 20.81 5.09 7.90
N VAL A 132 20.62 4.74 9.17
CA VAL A 132 21.40 3.68 9.75
C VAL A 132 20.73 2.33 9.56
N PRO A 133 21.31 1.44 8.76
CA PRO A 133 20.67 0.17 8.43
C PRO A 133 20.77 -0.78 9.62
N SER A 134 20.02 -1.91 9.51
CA SER A 134 20.22 -3.00 10.46
C SER A 134 20.78 -4.21 9.73
N ASP A 135 21.32 -5.17 10.47
CA ASP A 135 22.03 -6.26 9.78
C ASP A 135 21.12 -7.44 9.47
N THR A 136 19.84 -7.19 9.52
CA THR A 136 18.82 -8.16 9.23
C THR A 136 18.64 -8.49 7.76
N ASN A 137 18.64 -9.80 7.51
CA ASN A 137 18.38 -10.34 6.18
C ASN A 137 16.89 -10.38 5.89
N ILE A 138 16.43 -9.95 4.72
CA ILE A 138 14.98 -10.02 4.50
C ILE A 138 14.44 -11.46 4.51
N LEU A 139 15.21 -12.50 4.20
CA LEU A 139 14.68 -13.86 4.26
C LEU A 139 14.34 -14.25 5.69
N ASP A 140 15.15 -13.72 6.61
CA ASP A 140 14.91 -14.02 8.01
C ASP A 140 13.70 -13.26 8.52
N THR A 141 13.54 -12.06 7.95
CA THR A 141 12.32 -11.32 8.30
C THR A 141 11.12 -12.06 7.70
N TRP A 142 11.28 -12.68 6.53
CA TRP A 142 10.16 -13.38 5.92
C TRP A 142 9.75 -14.59 6.77
N ALA A 143 10.76 -15.25 7.34
CA ALA A 143 10.45 -16.38 8.19
C ALA A 143 9.65 -15.94 9.41
N ALA A 144 10.01 -14.82 10.02
CA ALA A 144 9.21 -14.26 11.10
C ALA A 144 7.80 -13.86 10.66
N MET A 145 7.64 -13.40 9.40
CA MET A 145 6.28 -13.07 8.97
C MET A 145 5.48 -14.38 8.85
N GLU A 146 6.14 -15.44 8.36
CA GLU A 146 5.43 -16.71 8.19
C GLU A 146 4.89 -17.20 9.52
N GLU A 147 5.66 -16.97 10.58
CA GLU A 147 5.25 -17.46 11.90
C GLU A 147 3.96 -16.79 12.34
N LEU A 148 3.79 -15.53 11.91
CA LEU A 148 2.58 -14.79 12.26
C LEU A 148 1.31 -15.44 11.71
N VAL A 149 1.41 -15.97 10.52
CA VAL A 149 0.32 -16.69 9.88
C VAL A 149 -0.02 -17.92 10.68
N ASP A 150 1.05 -18.63 11.00
CA ASP A 150 0.96 -19.87 11.78
C ASP A 150 0.53 -19.66 13.23
N GLU A 151 0.51 -18.43 13.71
CA GLU A 151 -0.01 -18.04 15.00
C GLU A 151 -1.41 -17.50 14.93
N GLY A 152 -2.00 -17.34 13.74
CA GLY A 152 -3.33 -16.81 13.68
C GLY A 152 -3.41 -15.31 13.83
N LEU A 153 -2.27 -14.65 13.87
CA LEU A 153 -2.32 -13.18 13.99
C LEU A 153 -2.63 -12.47 12.68
N VAL A 154 -2.30 -13.04 11.55
CA VAL A 154 -2.53 -12.46 10.22
C VAL A 154 -2.96 -13.55 9.24
N LYS A 155 -3.87 -13.23 8.34
CA LYS A 155 -4.38 -14.21 7.40
C LYS A 155 -3.50 -14.32 6.16
N ALA A 156 -2.82 -13.24 5.79
CA ALA A 156 -1.91 -13.20 4.64
C ALA A 156 -0.73 -12.30 4.97
N ILE A 157 0.37 -12.66 4.33
CA ILE A 157 1.59 -11.86 4.43
C ILE A 157 2.04 -11.45 3.03
N GLY A 158 2.70 -10.32 3.00
CA GLY A 158 3.23 -9.78 1.75
C GLY A 158 4.37 -8.81 1.96
N ILE A 159 4.70 -8.10 0.91
CA ILE A 159 5.82 -7.18 0.77
C ILE A 159 5.41 -5.86 0.13
N SER A 160 6.32 -4.88 0.25
CA SER A 160 6.03 -3.55 -0.32
C SER A 160 7.35 -2.89 -0.71
N ASN A 161 7.35 -2.25 -1.87
CA ASN A 161 8.56 -1.60 -2.36
C ASN A 161 9.71 -2.60 -2.58
N PHE A 162 9.39 -3.84 -2.89
CA PHE A 162 10.36 -4.84 -3.31
C PHE A 162 10.51 -4.78 -4.83
N ASN A 163 11.76 -4.68 -5.30
CA ASN A 163 12.00 -4.71 -6.73
C ASN A 163 12.04 -6.17 -7.20
N HIS A 164 12.28 -6.37 -8.49
CA HIS A 164 12.27 -7.70 -9.10
C HIS A 164 13.24 -8.65 -8.42
N LEU A 165 14.51 -8.30 -8.27
CA LEU A 165 15.46 -9.19 -7.60
C LEU A 165 14.99 -9.54 -6.19
N GLN A 166 14.31 -8.60 -5.54
CA GLN A 166 13.97 -8.82 -4.14
C GLN A 166 12.77 -9.73 -4.02
N VAL A 167 11.79 -9.60 -4.91
CA VAL A 167 10.68 -10.52 -4.96
C VAL A 167 11.23 -11.90 -5.32
N GLU A 168 12.14 -11.92 -6.29
CA GLU A 168 12.75 -13.20 -6.70
C GLU A 168 13.49 -13.83 -5.53
N MET A 169 14.19 -13.04 -4.71
CA MET A 169 14.88 -13.51 -3.54
C MET A 169 13.92 -14.19 -2.57
N ILE A 170 12.73 -13.61 -2.35
CA ILE A 170 11.80 -14.26 -1.40
C ILE A 170 11.31 -15.56 -2.02
N LEU A 171 10.93 -15.53 -3.29
CA LEU A 171 10.39 -16.70 -3.94
C LEU A 171 11.41 -17.85 -3.98
N ASN A 172 12.69 -17.52 -3.97
CA ASN A 172 13.70 -18.59 -3.96
C ASN A 172 14.24 -18.83 -2.56
N LYS A 173 13.59 -18.32 -1.52
CA LYS A 173 14.06 -18.58 -0.18
C LYS A 173 14.11 -20.07 0.15
N PRO A 174 15.25 -20.51 0.66
CA PRO A 174 15.30 -21.92 1.06
C PRO A 174 14.28 -22.18 2.15
N GLY A 175 13.46 -23.20 1.92
CA GLY A 175 12.46 -23.54 2.90
C GLY A 175 11.23 -22.64 2.90
N LEU A 176 11.02 -21.88 1.85
CA LEU A 176 9.87 -20.97 1.78
C LEU A 176 8.59 -21.73 2.12
N LYS A 177 7.80 -21.18 3.03
CA LYS A 177 6.58 -21.85 3.50
C LYS A 177 5.36 -21.15 2.92
N TYR A 178 5.32 -19.81 2.97
CA TYR A 178 4.25 -19.09 2.29
C TYR A 178 4.81 -18.04 1.34
N LYS A 179 4.29 -18.09 0.13
CA LYS A 179 4.60 -17.10 -0.88
C LYS A 179 3.98 -15.75 -0.49
N PRO A 180 4.67 -14.66 -0.84
CA PRO A 180 3.97 -13.37 -0.62
C PRO A 180 2.68 -13.28 -1.41
N ALA A 181 1.67 -12.64 -0.82
CA ALA A 181 0.37 -12.55 -1.42
C ALA A 181 0.23 -11.32 -2.28
N VAL A 182 0.94 -10.30 -1.83
CA VAL A 182 0.87 -8.94 -2.33
C VAL A 182 2.26 -8.31 -2.33
N ASN A 183 2.48 -7.56 -3.39
CA ASN A 183 3.58 -6.63 -3.44
C ASN A 183 2.94 -5.26 -3.66
N GLN A 184 3.05 -4.37 -2.69
CA GLN A 184 2.48 -3.03 -2.69
C GLN A 184 3.55 -2.01 -3.08
N ILE A 185 3.39 -1.40 -4.24
CA ILE A 185 4.35 -0.52 -4.91
C ILE A 185 3.73 0.75 -5.45
N GLU A 186 4.57 1.80 -5.63
CA GLU A 186 4.01 3.02 -6.22
C GLU A 186 3.61 2.79 -7.67
N CYS A 187 2.47 3.30 -8.11
CA CYS A 187 2.11 3.01 -9.51
C CYS A 187 1.03 4.01 -9.94
N HIS A 188 1.23 4.65 -11.07
CA HIS A 188 0.37 5.66 -11.64
C HIS A 188 0.82 6.00 -13.06
N PRO A 189 0.08 6.77 -13.84
CA PRO A 189 0.53 6.98 -15.24
C PRO A 189 1.93 7.52 -15.46
N TYR A 190 2.53 8.25 -14.56
CA TYR A 190 3.94 8.64 -14.60
C TYR A 190 4.93 7.59 -14.07
N LEU A 191 4.52 6.49 -13.49
CA LEU A 191 5.33 5.36 -13.07
C LEU A 191 4.55 4.07 -13.22
N THR A 192 4.57 3.53 -14.42
CA THR A 192 3.60 2.53 -14.81
C THR A 192 3.99 1.11 -14.45
N GLN A 193 5.28 0.87 -14.19
CA GLN A 193 5.80 -0.38 -13.65
C GLN A 193 5.49 -1.63 -14.44
N GLU A 194 5.43 -1.56 -15.77
CA GLU A 194 5.07 -2.74 -16.57
C GLU A 194 5.87 -3.98 -16.22
N LYS A 195 7.19 -3.89 -16.10
CA LYS A 195 7.96 -5.11 -15.86
C LYS A 195 7.75 -5.75 -14.49
N LEU A 196 7.71 -4.91 -13.45
CA LEU A 196 7.58 -5.47 -12.10
C LEU A 196 6.19 -6.05 -11.94
N ILE A 197 5.18 -5.32 -12.43
CA ILE A 197 3.81 -5.81 -12.35
C ILE A 197 3.62 -7.13 -13.11
N GLN A 198 4.15 -7.18 -14.35
CA GLN A 198 4.01 -8.42 -15.10
C GLN A 198 4.72 -9.56 -14.38
N TYR A 199 5.87 -9.25 -13.78
CA TYR A 199 6.61 -10.31 -13.08
C TYR A 199 5.84 -10.82 -11.88
N CYS A 200 5.29 -9.88 -11.10
CA CYS A 200 4.58 -10.33 -9.91
C CYS A 200 3.34 -11.13 -10.25
N GLN A 201 2.57 -10.63 -11.22
CA GLN A 201 1.33 -11.30 -11.58
C GLN A 201 1.68 -12.71 -12.08
N SER A 202 2.78 -12.84 -12.81
CA SER A 202 3.12 -14.15 -13.39
C SER A 202 3.40 -15.18 -12.31
N LYS A 203 3.69 -14.68 -11.12
CA LYS A 203 4.01 -15.51 -9.98
C LYS A 203 2.81 -15.67 -9.07
N GLY A 204 1.68 -15.06 -9.46
CA GLY A 204 0.51 -15.21 -8.59
C GLY A 204 0.51 -14.22 -7.42
N ILE A 205 1.37 -13.23 -7.48
CA ILE A 205 1.41 -12.17 -6.47
C ILE A 205 0.57 -10.97 -6.91
N VAL A 206 -0.42 -10.51 -6.15
CA VAL A 206 -1.27 -9.37 -6.51
C VAL A 206 -0.51 -8.08 -6.24
N VAL A 207 -0.62 -7.10 -7.13
CA VAL A 207 0.04 -5.82 -6.92
C VAL A 207 -1.01 -4.79 -6.48
N THR A 208 -0.63 -4.13 -5.37
CA THR A 208 -1.37 -2.95 -4.95
C THR A 208 -0.63 -1.68 -5.39
N ALA A 209 -1.35 -0.71 -5.95
CA ALA A 209 -0.82 0.55 -6.43
C ALA A 209 -1.06 1.64 -5.38
N TYR A 210 0.04 2.21 -4.91
CA TYR A 210 -0.04 3.32 -3.95
C TYR A 210 0.28 4.63 -4.69
N SER A 211 -0.03 5.73 -4.01
CA SER A 211 0.04 7.09 -4.52
C SER A 211 -0.59 7.19 -5.91
N PRO A 212 -1.80 6.69 -6.09
CA PRO A 212 -2.36 6.63 -7.47
C PRO A 212 -2.76 8.01 -7.99
N LEU A 213 -2.91 8.97 -7.10
CA LEU A 213 -3.23 10.34 -7.49
C LEU A 213 -1.98 11.21 -7.53
N GLY A 214 -0.83 10.59 -7.26
CA GLY A 214 0.44 11.26 -7.25
C GLY A 214 0.73 11.95 -5.93
N SER A 215 0.03 11.62 -4.86
CA SER A 215 0.31 12.15 -3.52
C SER A 215 0.54 13.64 -3.43
N PRO A 216 -0.41 14.43 -3.91
CA PRO A 216 -0.21 15.89 -3.86
C PRO A 216 0.01 16.46 -2.47
N ASP A 217 -0.27 15.75 -1.39
CA ASP A 217 0.02 16.21 -0.03
C ASP A 217 1.35 15.66 0.45
N ARG A 218 2.17 15.03 -0.40
CA ARG A 218 3.46 14.57 0.12
C ARG A 218 4.24 15.77 0.64
N PRO A 219 4.95 15.65 1.76
CA PRO A 219 5.58 16.83 2.34
C PRO A 219 6.75 17.43 1.56
N TRP A 220 7.27 16.78 0.55
CA TRP A 220 8.47 17.16 -0.20
C TRP A 220 8.10 17.65 -1.60
N ALA A 221 6.83 17.94 -1.85
CA ALA A 221 6.40 18.38 -3.17
C ALA A 221 7.17 19.62 -3.65
N LYS A 222 7.57 19.61 -4.91
CA LYS A 222 8.36 20.63 -5.58
C LYS A 222 7.60 21.15 -6.80
N PRO A 223 7.76 22.45 -7.08
CA PRO A 223 6.89 23.10 -8.06
C PRO A 223 7.03 22.40 -9.41
N GLU A 224 8.28 22.06 -9.71
CA GLU A 224 8.65 21.55 -11.02
C GLU A 224 8.16 20.13 -11.22
N ASP A 225 7.49 19.55 -10.22
CA ASP A 225 7.12 18.14 -10.28
C ASP A 225 5.94 18.05 -11.23
N PRO A 226 5.84 17.02 -12.03
CA PRO A 226 4.62 16.93 -12.86
C PRO A 226 3.46 16.71 -11.88
N SER A 227 2.24 16.90 -12.36
CA SER A 227 1.04 16.77 -11.55
C SER A 227 -0.01 15.98 -12.30
N LEU A 228 -0.22 14.73 -11.86
CA LEU A 228 -1.26 13.90 -12.46
C LEU A 228 -2.60 14.58 -12.49
N LEU A 229 -2.99 15.19 -11.36
CA LEU A 229 -4.34 15.68 -11.27
C LEU A 229 -4.54 16.93 -12.12
N GLU A 230 -3.43 17.53 -12.54
CA GLU A 230 -3.59 18.73 -13.36
C GLU A 230 -3.13 18.51 -14.80
N ASP A 231 -2.76 17.28 -15.13
CA ASP A 231 -2.30 16.94 -16.49
C ASP A 231 -3.45 17.05 -17.49
N PRO A 232 -3.39 18.01 -18.41
CA PRO A 232 -4.49 18.22 -19.37
C PRO A 232 -4.88 16.97 -20.16
N ARG A 233 -3.93 16.09 -20.42
CA ARG A 233 -4.23 14.88 -21.21
C ARG A 233 -5.13 13.97 -20.40
N ILE A 234 -4.91 13.97 -19.09
CA ILE A 234 -5.67 13.03 -18.27
C ILE A 234 -7.03 13.63 -18.01
N LYS A 235 -7.10 14.93 -17.78
CA LYS A 235 -8.34 15.65 -17.67
C LYS A 235 -9.24 15.43 -18.87
N ALA A 236 -8.63 15.38 -20.05
CA ALA A 236 -9.46 15.18 -21.25
C ALA A 236 -10.12 13.82 -21.27
N ILE A 237 -9.35 12.78 -20.90
CA ILE A 237 -9.92 11.44 -20.82
C ILE A 237 -11.05 11.37 -19.81
N ALA A 238 -10.84 12.03 -18.66
CA ALA A 238 -11.91 12.18 -17.69
C ALA A 238 -13.19 12.79 -18.26
N ALA A 239 -12.95 13.89 -18.97
CA ALA A 239 -14.06 14.67 -19.54
C ALA A 239 -14.78 13.83 -20.58
N LYS A 240 -14.04 12.97 -21.28
CA LYS A 240 -14.76 12.19 -22.31
C LYS A 240 -15.68 11.19 -21.62
N HIS A 241 -15.31 10.75 -20.42
CA HIS A 241 -16.15 9.77 -19.72
C HIS A 241 -17.07 10.39 -18.67
N ASN A 242 -17.10 11.71 -18.59
CA ASN A 242 -17.86 12.48 -17.61
C ASN A 242 -17.59 12.00 -16.19
N LYS A 243 -16.28 11.83 -15.93
CA LYS A 243 -15.82 11.53 -14.58
C LYS A 243 -14.77 12.53 -14.16
N THR A 244 -14.34 12.50 -12.88
CA THR A 244 -13.22 13.39 -12.58
C THR A 244 -11.89 12.68 -12.86
N THR A 245 -10.85 13.48 -12.76
CA THR A 245 -9.51 13.07 -13.05
C THR A 245 -9.10 11.98 -12.06
N ALA A 246 -9.52 12.26 -10.84
CA ALA A 246 -9.21 11.29 -9.77
C ALA A 246 -9.82 9.94 -10.08
N GLN A 247 -11.08 9.87 -10.46
CA GLN A 247 -11.81 8.71 -10.86
C GLN A 247 -11.13 7.98 -11.99
N VAL A 248 -10.61 8.69 -12.99
CA VAL A 248 -9.81 8.04 -14.04
C VAL A 248 -8.55 7.46 -13.43
N LEU A 249 -7.88 8.22 -12.56
CA LEU A 249 -6.63 7.71 -12.00
C LEU A 249 -6.82 6.49 -11.11
N ILE A 250 -7.98 6.31 -10.50
CA ILE A 250 -8.33 5.13 -9.72
C ILE A 250 -8.80 3.97 -10.58
N ARG A 251 -9.57 4.25 -11.61
CA ARG A 251 -10.02 3.20 -12.50
C ARG A 251 -8.89 2.57 -13.29
N PHE A 252 -7.87 3.36 -13.59
CA PHE A 252 -6.75 2.91 -14.40
C PHE A 252 -6.06 1.69 -13.80
N PRO A 253 -5.53 1.68 -12.58
CA PRO A 253 -4.96 0.43 -12.06
C PRO A 253 -5.98 -0.73 -11.95
N MET A 254 -7.24 -0.37 -11.75
CA MET A 254 -8.25 -1.45 -11.59
C MET A 254 -8.33 -2.28 -12.87
N GLN A 255 -8.16 -1.59 -14.00
CA GLN A 255 -8.26 -2.30 -15.29
C GLN A 255 -7.01 -3.10 -15.63
N ARG A 256 -5.92 -2.86 -14.92
CA ARG A 256 -4.68 -3.61 -15.04
C ARG A 256 -4.63 -4.77 -14.05
N ASN A 257 -5.72 -5.10 -13.41
CA ASN A 257 -5.82 -6.14 -12.42
C ASN A 257 -5.02 -5.80 -11.16
N LEU A 258 -4.98 -4.54 -10.82
CA LEU A 258 -4.34 -4.11 -9.58
C LEU A 258 -5.38 -3.69 -8.54
N VAL A 259 -4.97 -3.71 -7.29
CA VAL A 259 -5.65 -3.11 -6.15
C VAL A 259 -5.17 -1.67 -6.02
N VAL A 260 -6.04 -0.75 -5.58
CA VAL A 260 -5.60 0.64 -5.51
C VAL A 260 -6.14 1.29 -4.26
N ILE A 261 -5.33 2.12 -3.62
CA ILE A 261 -5.62 2.65 -2.29
C ILE A 261 -5.47 4.17 -2.21
N PRO A 262 -6.32 4.94 -2.89
CA PRO A 262 -6.30 6.39 -2.79
C PRO A 262 -6.58 6.85 -1.35
N LYS A 263 -5.85 7.86 -0.93
CA LYS A 263 -6.08 8.47 0.39
C LYS A 263 -6.93 9.72 0.29
N SER A 264 -7.87 9.85 1.22
CA SER A 264 -8.49 11.17 1.43
C SER A 264 -9.01 11.27 2.85
N VAL A 265 -9.08 12.47 3.39
CA VAL A 265 -9.78 12.63 4.66
C VAL A 265 -11.00 13.58 4.48
N THR A 266 -11.26 13.89 3.23
CA THR A 266 -12.36 14.74 2.80
C THR A 266 -13.58 13.90 2.47
N PRO A 267 -14.67 14.03 3.23
CA PRO A 267 -15.87 13.22 2.95
C PRO A 267 -16.33 13.23 1.52
N GLU A 268 -16.38 14.34 0.80
CA GLU A 268 -16.88 14.27 -0.57
C GLU A 268 -15.95 13.48 -1.49
N ARG A 269 -14.63 13.60 -1.31
CA ARG A 269 -13.64 12.90 -2.13
C ARG A 269 -13.63 11.39 -1.86
N ILE A 270 -13.78 11.12 -0.56
CA ILE A 270 -13.90 9.70 -0.14
C ILE A 270 -15.03 9.04 -0.95
N ALA A 271 -16.20 9.68 -0.95
CA ALA A 271 -17.34 9.11 -1.66
C ALA A 271 -17.09 9.10 -3.17
N GLU A 272 -16.51 10.20 -3.70
CA GLU A 272 -16.24 10.30 -5.13
C GLU A 272 -15.31 9.21 -5.64
N ASN A 273 -14.24 9.03 -4.90
CA ASN A 273 -13.20 8.04 -5.18
C ASN A 273 -13.69 6.59 -5.24
N PHE A 274 -14.85 6.32 -4.65
CA PHE A 274 -15.46 5.00 -4.66
C PHE A 274 -16.36 4.80 -5.88
N LYS A 275 -16.78 5.89 -6.50
CA LYS A 275 -17.75 5.75 -7.62
C LYS A 275 -16.98 5.49 -8.89
N VAL A 276 -16.34 4.35 -8.98
CA VAL A 276 -15.44 4.00 -10.06
C VAL A 276 -15.77 2.62 -10.64
N PHE A 277 -16.96 2.11 -10.33
CA PHE A 277 -17.34 0.78 -10.82
C PHE A 277 -18.46 0.84 -11.85
N ASP A 278 -18.74 2.05 -12.32
CA ASP A 278 -19.84 2.21 -13.28
C ASP A 278 -19.36 2.72 -14.63
N PHE A 279 -18.07 2.61 -14.90
CA PHE A 279 -17.54 3.10 -16.18
C PHE A 279 -16.30 2.31 -16.55
N GLU A 280 -15.97 2.28 -17.85
CA GLU A 280 -14.74 1.58 -18.25
C GLU A 280 -13.89 2.42 -19.20
N LEU A 281 -12.58 2.50 -18.91
CA LEU A 281 -11.67 3.09 -19.89
C LEU A 281 -11.50 2.15 -21.07
N SER A 282 -11.43 2.65 -22.32
CA SER A 282 -11.22 1.82 -23.49
C SER A 282 -9.79 1.30 -23.54
N SER A 283 -9.53 0.30 -24.38
CA SER A 283 -8.20 -0.22 -24.56
C SER A 283 -7.22 0.89 -24.96
N GLN A 284 -7.76 1.81 -25.73
CA GLN A 284 -6.98 2.94 -26.30
C GLN A 284 -6.65 3.89 -25.14
N ASP A 285 -7.64 4.17 -24.31
CA ASP A 285 -7.42 4.96 -23.11
C ASP A 285 -6.28 4.38 -22.26
N MET A 286 -6.36 3.05 -22.09
CA MET A 286 -5.39 2.39 -21.24
C MET A 286 -3.98 2.52 -21.80
N THR A 287 -3.87 2.26 -23.11
CA THR A 287 -2.58 2.35 -23.77
C THR A 287 -2.08 3.78 -23.73
N THR A 288 -3.00 4.72 -23.87
CA THR A 288 -2.63 6.12 -23.83
C THR A 288 -2.12 6.50 -22.45
N LEU A 289 -2.82 6.08 -21.42
CA LEU A 289 -2.41 6.45 -20.05
C LEU A 289 -1.06 5.82 -19.77
N LEU A 290 -0.85 4.61 -20.30
CA LEU A 290 0.46 3.98 -20.09
C LEU A 290 1.56 4.78 -20.76
N SER A 291 1.27 5.48 -21.86
CA SER A 291 2.31 6.19 -22.60
C SER A 291 2.88 7.36 -21.82
N TYR A 292 2.23 7.78 -20.73
CA TYR A 292 2.71 8.93 -19.96
C TYR A 292 3.84 8.56 -19.03
N ASN A 293 4.27 7.29 -18.97
CA ASN A 293 5.32 6.94 -18.04
C ASN A 293 6.58 7.79 -18.22
N ARG A 294 7.15 8.12 -17.07
CA ARG A 294 8.42 8.83 -17.01
C ARG A 294 9.27 8.43 -15.82
N ASN A 295 8.97 7.30 -15.16
CA ASN A 295 9.81 6.90 -14.03
C ASN A 295 9.87 7.95 -12.94
N TRP A 296 8.75 8.64 -12.74
CA TRP A 296 8.64 9.61 -11.67
C TRP A 296 8.05 9.04 -10.38
N ARG A 297 8.82 9.19 -9.31
CA ARG A 297 8.40 8.67 -8.03
C ARG A 297 8.13 9.75 -6.99
N VAL A 298 6.98 9.69 -6.35
CA VAL A 298 6.64 10.32 -5.08
C VAL A 298 7.60 9.84 -3.99
N CYS A 299 7.79 8.52 -3.95
CA CYS A 299 8.66 7.96 -2.94
C CYS A 299 9.98 7.46 -3.52
N ALA A 300 10.89 8.41 -3.68
CA ALA A 300 12.24 8.24 -4.20
C ALA A 300 13.23 8.02 -3.05
N LEU A 301 13.03 8.71 -1.94
CA LEU A 301 13.72 8.48 -0.68
C LEU A 301 15.23 8.45 -0.86
N MET A 302 15.74 9.58 -1.32
CA MET A 302 17.15 9.81 -1.59
C MET A 302 18.05 9.57 -0.38
N SER A 303 17.52 9.67 0.84
CA SER A 303 18.36 9.45 2.02
C SER A 303 18.62 7.97 2.27
N CYS A 304 18.01 7.14 1.40
CA CYS A 304 18.09 5.70 1.61
C CYS A 304 18.89 4.96 0.55
N THR A 305 19.40 5.70 -0.44
CA THR A 305 20.06 5.27 -1.65
C THR A 305 21.36 4.50 -1.30
N SER A 306 21.87 4.90 -0.18
CA SER A 306 22.88 4.44 0.74
C SER A 306 22.75 2.97 1.09
N HIS A 307 21.58 2.54 1.56
CA HIS A 307 21.22 1.21 1.99
C HIS A 307 21.32 0.13 0.92
N LYS A 308 21.79 -1.04 1.29
CA LYS A 308 22.14 -2.27 0.64
C LYS A 308 21.04 -2.85 -0.28
N ASP A 309 19.85 -2.94 0.20
CA ASP A 309 18.51 -3.27 -0.16
C ASP A 309 17.71 -2.07 -0.66
N TYR A 310 18.29 -0.91 -0.83
CA TYR A 310 17.52 0.19 -1.45
C TYR A 310 16.88 -0.33 -2.74
N PRO A 311 15.57 -0.23 -2.93
CA PRO A 311 14.99 -0.97 -4.05
C PRO A 311 15.01 -0.27 -5.38
N PHE A 312 15.37 1.01 -5.48
CA PHE A 312 15.14 1.68 -6.76
C PHE A 312 16.39 2.01 -7.56
N HIS A 313 17.46 1.26 -7.40
CA HIS A 313 18.62 1.46 -8.28
C HIS A 313 18.31 0.92 -9.67
N GLU A 314 17.60 -0.20 -9.70
CA GLU A 314 17.02 -0.84 -10.87
C GLU A 314 15.63 -0.26 -11.14
N GLU A 315 15.27 -0.11 -12.42
CA GLU A 315 13.97 0.44 -12.79
C GLU A 315 12.85 -0.38 -12.15
N PHE A 316 13.15 -1.68 -12.03
CA PHE A 316 12.13 -2.56 -11.51
C PHE A 316 12.65 -3.64 -10.59
PA NAP B . -2.64 9.64 -3.05
O1A NAP B . -2.05 9.59 -4.42
O2A NAP B . -3.69 8.71 -2.62
O5B NAP B . -3.14 11.15 -2.91
C5B NAP B . -3.59 11.65 -1.64
C4B NAP B . -3.87 13.12 -1.88
O4B NAP B . -4.87 13.31 -2.88
C3B NAP B . -4.38 13.90 -0.67
O3B NAP B . -3.84 15.23 -0.74
C2B NAP B . -5.90 13.99 -0.85
O2B NAP B . -6.41 15.18 -0.23
C1B NAP B . -5.96 14.10 -2.36
N9A NAP B . -7.21 13.60 -2.98
C8A NAP B . -7.89 12.47 -2.66
N7A NAP B . -8.97 12.34 -3.45
C5A NAP B . -8.93 13.41 -4.24
C6A NAP B . -9.85 13.70 -5.24
N6A NAP B . -10.93 13.00 -5.56
N1A NAP B . -9.58 14.86 -5.89
C2A NAP B . -8.51 15.65 -5.63
N3A NAP B . -7.63 15.35 -4.67
C4A NAP B . -7.84 14.20 -3.96
O3 NAP B . -1.41 9.64 -2.04
PN NAP B . -0.75 8.76 -0.92
O1N NAP B . -1.40 8.93 0.40
O2N NAP B . 0.73 8.88 -1.06
O5D NAP B . -1.03 7.22 -1.43
C5D NAP B . -2.25 6.53 -1.06
C4D NAP B . -1.98 5.53 0.05
O4D NAP B . -0.97 4.62 -0.43
C3D NAP B . -1.35 6.09 1.33
O3D NAP B . -2.20 6.92 2.12
C2D NAP B . -0.83 4.83 1.96
O2D NAP B . -1.98 4.22 2.60
C1D NAP B . -0.34 4.03 0.72
N1N NAP B . 1.14 4.20 0.51
C2N NAP B . 2.01 3.15 0.75
C3N NAP B . 3.38 3.38 0.72
C7N NAP B . 4.35 2.24 0.98
O7N NAP B . 5.56 2.42 0.98
N7N NAP B . 3.80 1.05 1.24
C4N NAP B . 3.88 4.63 0.44
C5N NAP B . 3.03 5.70 0.18
C6N NAP B . 1.67 5.48 0.23
P2B NAP B . -7.41 15.11 1.06
O1X NAP B . -8.76 14.97 0.46
O2X NAP B . -6.98 13.98 1.89
O3X NAP B . -7.11 16.41 1.72
C1 TOL C . 13.45 7.47 4.37
F1 TOL C . 13.66 8.39 3.44
F2 TOL C . 14.44 6.56 4.29
F3 TOL C . 13.61 7.99 5.61
C2 TOL C . 12.07 6.77 4.27
C3 TOL C . 11.92 5.40 4.00
O1 TOL C . 12.99 4.65 3.77
C4 TOL C . 12.71 3.29 3.51
C5 TOL C . 10.63 4.85 3.95
C6 TOL C . 9.52 5.66 4.19
C7 TOL C . 9.67 7.02 4.47
C8 TOL C . 8.54 7.85 4.70
C9 TOL C . 8.69 9.20 5.01
C10 TOL C . 9.98 9.78 5.06
C11 TOL C . 11.09 8.96 4.81
C12 TOL C . 10.96 7.59 4.52
C13 TOL C . 7.14 7.29 4.69
S1 TOL C . 6.48 6.86 6.21
N1 TOL C . 6.47 7.09 3.54
C14 TOL C . 7.10 7.49 2.27
C15 TOL C . 5.11 6.54 3.50
C16 TOL C . 5.22 4.99 3.43
O2 TOL C . 4.25 4.27 3.43
O3 TOL C . 6.48 4.59 3.48
#